data_1K3E
#
_entry.id   1K3E
#
_cell.length_a   57.586
_cell.length_b   77.856
_cell.length_c   94.176
_cell.angle_alpha   90.00
_cell.angle_beta   90.00
_cell.angle_gamma   90.00
#
_symmetry.space_group_name_H-M   'P 21 21 21'
#
_entity_poly.entity_id   1
_entity_poly.type   'polypeptide(L)'
_entity_poly.pdbx_seq_one_letter_code
;MSSRSELLLEKFAEKIGIGSISFNENRLCSFAIDEIYYISLSDANDEYMMIYGVCGKFPTDNSNFALEILNANLWFAENG
GPYLCYEAGAQSLLLALRFPLDDATPEKLENEIEVVVKSMENLYLVLHNQGITLENEHMKIEEISSSDNKHYYAGR
;
_entity_poly.pdbx_strand_id   A,B
#
# COMPACT_ATOMS: atom_id res chain seq x y z
N MET A 1 50.03 29.12 -2.96
CA MET A 1 48.84 29.72 -3.64
C MET A 1 48.21 28.71 -4.58
N SER A 2 46.91 28.86 -4.83
CA SER A 2 46.19 27.95 -5.71
C SER A 2 45.21 28.67 -6.61
N SER A 3 44.96 28.07 -7.78
CA SER A 3 44.01 28.64 -8.74
C SER A 3 42.64 28.63 -8.10
N ARG A 4 41.73 29.48 -8.56
CA ARG A 4 40.41 29.51 -7.95
C ARG A 4 39.67 28.20 -8.18
N SER A 5 40.21 27.39 -9.09
CA SER A 5 39.65 26.09 -9.41
C SER A 5 40.02 25.19 -8.22
N GLU A 6 41.32 25.13 -7.93
CA GLU A 6 41.81 24.33 -6.83
C GLU A 6 41.17 24.83 -5.55
N LEU A 7 41.02 26.15 -5.44
CA LEU A 7 40.39 26.73 -4.26
C LEU A 7 39.01 26.12 -4.08
N LEU A 8 38.20 26.21 -5.13
CA LEU A 8 36.85 25.67 -5.10
C LEU A 8 36.86 24.21 -4.64
N LEU A 9 37.74 23.41 -5.22
CA LEU A 9 37.84 22.01 -4.86
C LEU A 9 37.99 21.88 -3.34
N GLU A 10 38.98 22.57 -2.79
CA GLU A 10 39.24 22.55 -1.35
C GLU A 10 38.03 23.00 -0.51
N LYS A 11 37.51 24.20 -0.75
CA LYS A 11 36.36 24.67 0.00
C LYS A 11 35.22 23.65 -0.11
N PHE A 12 35.12 22.99 -1.26
CA PHE A 12 34.11 21.97 -1.46
C PHE A 12 34.39 20.77 -0.58
N ALA A 13 35.64 20.33 -0.61
CA ALA A 13 36.06 19.20 0.20
C ALA A 13 35.80 19.46 1.67
N GLU A 14 36.48 20.47 2.23
CA GLU A 14 36.32 20.78 3.64
C GLU A 14 34.87 20.95 4.06
N LYS A 15 34.03 21.46 3.17
CA LYS A 15 32.61 21.63 3.47
C LYS A 15 31.86 20.30 3.44
N ILE A 16 32.23 19.43 2.50
CA ILE A 16 31.57 18.14 2.35
C ILE A 16 31.93 17.20 3.49
N GLY A 17 32.97 17.53 4.25
CA GLY A 17 33.37 16.68 5.34
C GLY A 17 34.68 15.95 5.14
N ILE A 18 34.98 15.50 3.93
CA ILE A 18 36.25 14.82 3.70
C ILE A 18 37.33 15.89 3.70
N GLY A 19 38.59 15.50 3.84
CA GLY A 19 39.63 16.51 3.88
C GLY A 19 40.82 16.26 2.98
N SER A 20 41.60 17.31 2.76
CA SER A 20 42.81 17.24 1.95
C SER A 20 42.56 16.67 0.56
N ILE A 21 42.12 17.52 -0.36
CA ILE A 21 41.82 17.11 -1.74
C ILE A 21 42.50 18.06 -2.74
N SER A 22 42.81 17.55 -3.93
CA SER A 22 43.43 18.37 -4.97
C SER A 22 43.40 17.65 -6.32
N PHE A 23 43.74 18.35 -7.40
CA PHE A 23 43.75 17.75 -8.73
C PHE A 23 45.08 17.06 -8.96
N ASN A 24 45.04 15.81 -9.42
CA ASN A 24 46.25 15.06 -9.65
C ASN A 24 47.04 15.62 -10.83
N GLU A 25 48.08 14.90 -11.24
CA GLU A 25 48.91 15.35 -12.33
C GLU A 25 48.12 15.60 -13.60
N ASN A 26 47.00 14.89 -13.76
CA ASN A 26 46.16 15.04 -14.96
C ASN A 26 45.08 16.11 -14.81
N ARG A 27 45.09 16.83 -13.70
CA ARG A 27 44.10 17.87 -13.45
C ARG A 27 42.75 17.25 -13.14
N LEU A 28 42.78 16.06 -12.56
CA LEU A 28 41.59 15.32 -12.20
C LEU A 28 41.49 15.08 -10.71
N CYS A 29 40.28 14.76 -10.25
CA CYS A 29 40.02 14.46 -8.85
C CYS A 29 38.71 13.72 -8.84
N SER A 30 38.74 12.45 -8.45
CA SER A 30 37.53 11.65 -8.46
C SER A 30 36.95 11.29 -7.11
N PHE A 31 35.65 11.04 -7.14
CA PHE A 31 34.91 10.69 -5.94
C PHE A 31 34.10 9.43 -6.19
N ALA A 32 33.71 8.81 -5.09
CA ALA A 32 32.88 7.64 -5.14
C ALA A 32 31.71 8.04 -4.28
N ILE A 33 30.51 7.86 -4.79
CA ILE A 33 29.33 8.20 -4.03
C ILE A 33 28.48 6.94 -3.90
N ASP A 34 28.09 6.61 -2.69
CA ASP A 34 27.30 5.43 -2.45
C ASP A 34 25.82 5.69 -2.21
N GLU A 35 25.02 4.72 -2.63
CA GLU A 35 23.58 4.75 -2.44
C GLU A 35 23.33 3.36 -1.83
N ILE A 36 23.40 3.28 -0.51
CA ILE A 36 23.20 2.03 0.19
C ILE A 36 21.71 1.65 0.26
N TYR A 37 21.45 0.34 0.22
CA TYR A 37 20.10 -0.23 0.28
C TYR A 37 20.05 -1.25 1.41
N TYR A 38 19.14 -1.08 2.36
CA TYR A 38 19.06 -2.04 3.45
C TYR A 38 17.96 -3.08 3.24
N ILE A 39 18.37 -4.33 3.20
CA ILE A 39 17.45 -5.45 3.06
C ILE A 39 17.47 -6.26 4.36
N SER A 40 16.33 -6.85 4.73
CA SER A 40 16.25 -7.67 5.94
C SER A 40 15.47 -8.95 5.71
N LEU A 41 16.09 -10.08 5.98
CA LEU A 41 15.40 -11.35 5.81
C LEU A 41 14.79 -11.70 7.15
N SER A 42 13.54 -12.15 7.13
CA SER A 42 12.85 -12.49 8.36
C SER A 42 12.30 -13.89 8.32
N ASP A 43 12.59 -14.64 9.38
CA ASP A 43 12.11 -16.01 9.52
C ASP A 43 10.72 -15.86 10.16
N ALA A 44 9.75 -15.45 9.35
CA ALA A 44 8.38 -15.24 9.80
C ALA A 44 7.75 -16.53 10.29
N ASN A 45 7.04 -17.22 9.40
CA ASN A 45 6.44 -18.49 9.78
C ASN A 45 7.36 -19.58 9.23
N ASP A 46 6.93 -20.84 9.24
CA ASP A 46 7.79 -21.91 8.76
C ASP A 46 7.43 -22.36 7.36
N GLU A 47 6.54 -21.61 6.72
CA GLU A 47 6.09 -21.92 5.37
C GLU A 47 6.53 -20.80 4.41
N TYR A 48 6.72 -19.60 4.96
CA TYR A 48 7.13 -18.43 4.19
C TYR A 48 8.15 -17.61 4.97
N MET A 49 9.00 -16.90 4.25
CA MET A 49 10.02 -16.02 4.81
C MET A 49 9.69 -14.62 4.30
N MET A 50 10.17 -13.58 4.98
CA MET A 50 9.85 -12.22 4.53
C MET A 50 11.03 -11.28 4.27
N ILE A 51 11.13 -10.81 3.04
CA ILE A 51 12.19 -9.89 2.62
C ILE A 51 11.71 -8.45 2.74
N TYR A 52 12.40 -7.64 3.53
CA TYR A 52 12.00 -6.27 3.72
C TYR A 52 13.01 -5.25 3.19
N GLY A 53 12.53 -4.28 2.43
CA GLY A 53 13.38 -3.24 1.91
C GLY A 53 13.20 -2.04 2.82
N VAL A 54 14.11 -1.85 3.76
CA VAL A 54 13.98 -0.72 4.67
C VAL A 54 14.38 0.56 3.95
N CYS A 55 13.40 1.37 3.60
CA CYS A 55 13.65 2.60 2.85
C CYS A 55 13.97 3.84 3.65
N GLY A 56 13.68 3.84 4.95
CA GLY A 56 13.98 5.01 5.76
C GLY A 56 12.89 5.34 6.75
N LYS A 57 13.09 6.42 7.51
CA LYS A 57 12.10 6.83 8.50
C LYS A 57 10.96 7.55 7.83
N PHE A 58 9.77 7.05 8.06
CA PHE A 58 8.56 7.59 7.47
C PHE A 58 8.14 8.89 8.13
N PRO A 59 8.12 10.00 7.37
CA PRO A 59 7.70 11.27 7.97
C PRO A 59 6.19 11.22 8.27
N THR A 60 5.85 10.80 9.50
CA THR A 60 4.46 10.66 9.95
C THR A 60 3.68 11.96 10.15
N ASP A 61 4.33 13.09 9.88
CA ASP A 61 3.66 14.38 10.02
C ASP A 61 2.94 14.78 8.74
N ASN A 62 3.43 14.26 7.61
CA ASN A 62 2.88 14.58 6.29
C ASN A 62 1.73 13.70 5.81
N SER A 63 0.54 14.29 5.76
CA SER A 63 -0.66 13.59 5.30
C SER A 63 -0.48 13.29 3.82
N ASN A 64 0.06 14.28 3.11
CA ASN A 64 0.29 14.19 1.68
C ASN A 64 1.22 13.05 1.27
N PHE A 65 2.30 12.86 2.03
CA PHE A 65 3.26 11.82 1.73
C PHE A 65 2.59 10.45 1.72
N ALA A 66 2.07 10.05 2.88
CA ALA A 66 1.40 8.75 3.02
C ALA A 66 0.54 8.45 1.79
N LEU A 67 -0.21 9.44 1.36
CA LEU A 67 -1.08 9.31 0.19
C LEU A 67 -0.33 9.06 -1.10
N GLU A 68 0.85 9.67 -1.27
CA GLU A 68 1.60 9.47 -2.49
C GLU A 68 2.16 8.06 -2.55
N ILE A 69 2.56 7.54 -1.39
CA ILE A 69 3.10 6.17 -1.30
C ILE A 69 1.97 5.17 -1.58
N LEU A 70 0.80 5.46 -1.01
CA LEU A 70 -0.36 4.61 -1.20
C LEU A 70 -0.74 4.55 -2.67
N ASN A 71 -0.51 5.66 -3.37
CA ASN A 71 -0.84 5.75 -4.79
C ASN A 71 0.23 5.02 -5.63
N ALA A 72 1.44 4.96 -5.10
CA ALA A 72 2.53 4.29 -5.77
C ALA A 72 2.29 2.77 -5.71
N ASN A 73 1.62 2.31 -4.65
CA ASN A 73 1.31 0.89 -4.49
C ASN A 73 0.48 0.39 -5.66
N LEU A 74 -0.17 1.31 -6.36
CA LEU A 74 -0.97 0.93 -7.53
C LEU A 74 -0.03 0.37 -8.57
N TRP A 75 1.14 0.98 -8.64
CA TRP A 75 2.17 0.61 -9.59
C TRP A 75 2.78 -0.74 -9.28
N PHE A 76 3.10 -0.94 -8.01
CA PHE A 76 3.68 -2.18 -7.55
C PHE A 76 2.65 -3.28 -7.69
N ALA A 77 1.38 -2.89 -7.55
CA ALA A 77 0.27 -3.82 -7.64
C ALA A 77 0.13 -4.38 -9.05
N GLU A 78 0.48 -3.57 -10.04
CA GLU A 78 0.37 -3.99 -11.44
C GLU A 78 1.54 -4.86 -11.84
N ASN A 79 2.70 -4.54 -11.27
CA ASN A 79 3.92 -5.28 -11.56
C ASN A 79 4.08 -6.46 -10.60
N GLY A 80 5.29 -7.02 -10.59
CA GLY A 80 5.57 -8.14 -9.70
C GLY A 80 4.87 -7.93 -8.38
N GLY A 81 5.52 -7.25 -7.44
CA GLY A 81 4.81 -7.03 -6.20
C GLY A 81 5.37 -6.73 -4.83
N PRO A 82 6.45 -5.94 -4.66
CA PRO A 82 6.78 -5.79 -3.24
C PRO A 82 5.71 -4.79 -2.78
N TYR A 83 5.16 -4.96 -1.57
CA TYR A 83 4.13 -4.05 -1.08
C TYR A 83 4.78 -2.87 -0.36
N LEU A 84 4.19 -1.70 -0.52
CA LEU A 84 4.69 -0.51 0.14
C LEU A 84 3.97 -0.44 1.49
N CYS A 85 4.67 -0.80 2.54
CA CYS A 85 4.10 -0.82 3.89
C CYS A 85 4.71 0.18 4.85
N TYR A 86 4.08 0.25 6.02
CA TYR A 86 4.50 1.12 7.11
C TYR A 86 4.63 0.24 8.35
N GLU A 87 5.70 0.43 9.08
CA GLU A 87 5.90 -0.35 10.29
C GLU A 87 5.91 0.66 11.43
N ALA A 88 4.95 0.52 12.33
CA ALA A 88 4.80 1.43 13.46
C ALA A 88 6.05 1.46 14.34
N GLY A 89 6.50 0.27 14.75
CA GLY A 89 7.67 0.16 15.60
C GLY A 89 8.73 1.19 15.27
N ALA A 90 9.44 0.98 14.18
CA ALA A 90 10.51 1.87 13.76
C ALA A 90 10.04 3.04 12.90
N GLN A 91 8.72 3.17 12.73
CA GLN A 91 8.16 4.23 11.91
C GLN A 91 8.87 4.27 10.57
N SER A 92 9.11 3.10 10.01
CA SER A 92 9.83 3.02 8.74
C SER A 92 8.98 2.71 7.52
N LEU A 93 9.49 3.13 6.37
CA LEU A 93 8.84 2.91 5.10
C LEU A 93 9.39 1.58 4.57
N LEU A 94 8.55 0.56 4.55
CA LEU A 94 8.99 -0.76 4.10
C LEU A 94 8.51 -1.22 2.75
N LEU A 95 9.34 -2.01 2.10
CA LEU A 95 8.99 -2.57 0.80
C LEU A 95 9.00 -4.05 1.17
N ALA A 96 7.80 -4.62 1.29
CA ALA A 96 7.63 -6.01 1.69
C ALA A 96 7.38 -7.04 0.58
N LEU A 97 7.97 -8.21 0.76
CA LEU A 97 7.83 -9.30 -0.19
C LEU A 97 8.01 -10.61 0.56
N ARG A 98 7.05 -11.51 0.44
CA ARG A 98 7.18 -12.79 1.10
C ARG A 98 7.93 -13.73 0.19
N PHE A 99 8.61 -14.70 0.80
CA PHE A 99 9.40 -15.67 0.05
C PHE A 99 9.07 -17.07 0.54
N PRO A 100 8.53 -17.90 -0.37
CA PRO A 100 8.15 -19.29 -0.07
C PRO A 100 9.35 -20.23 0.07
N LEU A 101 9.31 -21.08 1.10
CA LEU A 101 10.39 -22.04 1.33
C LEU A 101 10.29 -23.24 0.40
N ASP A 102 9.07 -23.65 0.06
CA ASP A 102 8.86 -24.79 -0.84
C ASP A 102 9.63 -24.67 -2.14
N ASP A 103 10.68 -25.47 -2.29
CA ASP A 103 11.54 -25.49 -3.47
C ASP A 103 12.47 -24.30 -3.51
N ALA A 104 12.68 -23.69 -2.36
CA ALA A 104 13.55 -22.53 -2.23
C ALA A 104 15.00 -22.92 -2.49
N THR A 105 15.75 -21.98 -3.05
CA THR A 105 17.16 -22.20 -3.35
C THR A 105 17.82 -20.83 -3.25
N PRO A 106 19.06 -20.76 -2.76
CA PRO A 106 19.76 -19.47 -2.63
C PRO A 106 19.65 -18.63 -3.90
N GLU A 107 19.53 -19.31 -5.04
CA GLU A 107 19.40 -18.63 -6.32
C GLU A 107 18.07 -17.89 -6.34
N LYS A 108 17.04 -18.55 -5.83
CA LYS A 108 15.71 -17.95 -5.78
C LYS A 108 15.70 -16.82 -4.75
N LEU A 109 16.44 -17.01 -3.67
CA LEU A 109 16.53 -16.01 -2.63
C LEU A 109 17.31 -14.82 -3.16
N GLU A 110 18.25 -15.08 -4.07
CA GLU A 110 19.04 -14.00 -4.63
C GLU A 110 18.23 -13.17 -5.61
N ASN A 111 17.37 -13.82 -6.38
CA ASN A 111 16.53 -13.12 -7.34
C ASN A 111 15.54 -12.25 -6.62
N GLU A 112 14.90 -12.81 -5.60
CA GLU A 112 13.93 -12.10 -4.80
C GLU A 112 14.55 -10.91 -4.10
N ILE A 113 15.71 -11.11 -3.48
CA ILE A 113 16.37 -10.00 -2.83
C ILE A 113 16.65 -8.91 -3.90
N GLU A 114 17.02 -9.34 -5.10
CA GLU A 114 17.28 -8.40 -6.18
C GLU A 114 16.05 -7.67 -6.72
N VAL A 115 14.85 -8.24 -6.54
CA VAL A 115 13.66 -7.54 -7.02
C VAL A 115 13.28 -6.47 -6.01
N VAL A 116 13.51 -6.75 -4.73
CA VAL A 116 13.19 -5.79 -3.70
C VAL A 116 14.12 -4.60 -3.85
N VAL A 117 15.37 -4.90 -4.19
CA VAL A 117 16.38 -3.86 -4.37
C VAL A 117 16.00 -2.97 -5.54
N LYS A 118 15.62 -3.58 -6.66
CA LYS A 118 15.23 -2.83 -7.84
C LYS A 118 13.94 -2.04 -7.60
N SER A 119 13.06 -2.56 -6.75
CA SER A 119 11.83 -1.86 -6.44
C SER A 119 12.19 -0.63 -5.63
N MET A 120 13.11 -0.79 -4.69
CA MET A 120 13.57 0.32 -3.87
C MET A 120 14.23 1.35 -4.80
N GLU A 121 14.77 0.86 -5.91
CA GLU A 121 15.44 1.70 -6.89
C GLU A 121 14.44 2.54 -7.69
N ASN A 122 13.35 1.92 -8.11
CA ASN A 122 12.33 2.65 -8.86
C ASN A 122 11.69 3.65 -7.90
N LEU A 123 11.47 3.23 -6.66
CA LEU A 123 10.86 4.06 -5.63
C LEU A 123 11.68 5.31 -5.38
N TYR A 124 12.92 5.13 -4.96
CA TYR A 124 13.81 6.26 -4.67
C TYR A 124 13.90 7.22 -5.85
N LEU A 125 13.96 6.67 -7.07
CA LEU A 125 14.09 7.50 -8.25
C LEU A 125 12.85 8.35 -8.47
N VAL A 126 11.69 7.78 -8.21
CA VAL A 126 10.47 8.55 -8.37
C VAL A 126 10.38 9.54 -7.23
N LEU A 127 10.88 9.14 -6.05
CA LEU A 127 10.88 10.04 -4.89
C LEU A 127 11.80 11.23 -5.13
N HIS A 128 13.03 10.96 -5.56
CA HIS A 128 14.04 12.01 -5.83
C HIS A 128 13.69 12.90 -7.02
N ASN A 129 12.97 12.35 -7.99
CA ASN A 129 12.58 13.13 -9.16
C ASN A 129 11.39 13.99 -8.76
N GLN A 130 11.10 13.97 -7.46
CA GLN A 130 10.02 14.76 -6.88
C GLN A 130 10.69 15.70 -5.88
N GLY A 131 12.01 15.56 -5.77
CA GLY A 131 12.78 16.37 -4.84
C GLY A 131 12.70 15.79 -3.44
N ILE A 132 11.74 14.89 -3.24
CA ILE A 132 11.51 14.24 -1.95
C ILE A 132 12.70 13.40 -1.49
N THR A 133 12.87 13.32 -0.18
CA THR A 133 13.94 12.53 0.42
C THR A 133 13.60 12.21 1.88
N LEU A 134 13.89 10.97 2.30
CA LEU A 134 13.60 10.53 3.67
C LEU A 134 14.72 10.90 4.65
N LYS A 140 26.67 9.21 0.79
CA LYS A 140 28.06 9.03 1.33
C LYS A 140 29.15 9.17 0.26
N ILE A 141 29.79 10.33 0.21
CA ILE A 141 30.84 10.56 -0.77
C ILE A 141 32.23 10.50 -0.16
N GLU A 142 33.15 9.89 -0.89
CA GLU A 142 34.53 9.79 -0.46
C GLU A 142 35.40 9.90 -1.71
N GLU A 143 36.53 10.59 -1.56
CA GLU A 143 37.45 10.81 -2.66
C GLU A 143 38.09 9.46 -3.01
N ILE A 144 38.61 9.34 -4.24
CA ILE A 144 39.27 8.11 -4.65
C ILE A 144 40.39 8.41 -5.64
N SER A 145 41.00 7.37 -6.18
CA SER A 145 42.12 7.52 -7.10
C SER A 145 41.73 7.85 -8.55
N SER A 146 42.40 8.83 -9.12
CA SER A 146 42.17 9.26 -10.49
C SER A 146 43.35 8.77 -11.34
N SER B 3 -48.96 -2.50 20.25
CA SER B 3 -48.97 -2.02 21.67
C SER B 3 -47.82 -1.05 21.89
N ARG B 4 -47.17 -1.15 23.05
CA ARG B 4 -46.05 -0.29 23.39
C ARG B 4 -44.92 -0.61 22.41
N SER B 5 -45.03 -1.78 21.77
CA SER B 5 -44.05 -2.24 20.79
C SER B 5 -44.45 -1.73 19.41
N GLU B 6 -45.69 -2.02 19.03
CA GLU B 6 -46.23 -1.60 17.74
C GLU B 6 -46.01 -0.10 17.55
N LEU B 7 -46.14 0.64 18.65
CA LEU B 7 -45.95 2.08 18.65
C LEU B 7 -44.49 2.40 18.37
N LEU B 8 -43.60 1.49 18.75
CA LEU B 8 -42.17 1.66 18.52
C LEU B 8 -41.83 1.15 17.13
N LEU B 9 -42.40 0.00 16.77
CA LEU B 9 -42.16 -0.57 15.46
C LEU B 9 -42.48 0.43 14.39
N GLU B 10 -43.60 1.13 14.56
CA GLU B 10 -44.04 2.12 13.59
C GLU B 10 -43.25 3.42 13.70
N LYS B 11 -43.07 3.92 14.92
CA LYS B 11 -42.33 5.16 15.13
C LYS B 11 -40.90 4.94 14.60
N PHE B 12 -40.49 3.67 14.52
CA PHE B 12 -39.18 3.29 14.02
C PHE B 12 -39.19 3.45 12.50
N ALA B 13 -40.29 3.05 11.87
CA ALA B 13 -40.45 3.15 10.42
C ALA B 13 -40.42 4.61 9.96
N GLU B 14 -41.31 5.41 10.54
CA GLU B 14 -41.41 6.82 10.20
C GLU B 14 -40.07 7.56 10.32
N LYS B 15 -39.20 7.08 11.20
CA LYS B 15 -37.89 7.71 11.38
C LYS B 15 -36.82 7.03 10.54
N ILE B 16 -37.09 5.79 10.11
CA ILE B 16 -36.12 5.05 9.31
C ILE B 16 -36.23 5.33 7.81
N GLY B 17 -37.29 6.02 7.40
CA GLY B 17 -37.44 6.33 6.00
C GLY B 17 -38.51 5.50 5.31
N ILE B 18 -38.42 4.18 5.43
CA ILE B 18 -39.41 3.31 4.82
C ILE B 18 -40.61 3.44 5.75
N GLY B 19 -41.81 3.11 5.28
CA GLY B 19 -42.98 3.23 6.13
C GLY B 19 -43.98 2.09 6.03
N SER B 20 -45.09 2.24 6.74
CA SER B 20 -46.17 1.25 6.76
C SER B 20 -45.66 -0.10 7.26
N ILE B 21 -45.08 -0.10 8.45
CA ILE B 21 -44.55 -1.30 9.06
C ILE B 21 -45.38 -1.73 10.26
N SER B 22 -45.56 -3.05 10.41
CA SER B 22 -46.36 -3.61 11.50
C SER B 22 -46.07 -5.10 11.75
N PHE B 23 -46.23 -5.52 13.00
CA PHE B 23 -46.01 -6.92 13.37
C PHE B 23 -47.08 -7.78 12.71
N ASN B 24 -46.68 -8.88 12.07
CA ASN B 24 -47.64 -9.74 11.40
C ASN B 24 -48.40 -10.67 12.35
N GLU B 25 -48.97 -11.72 11.76
CA GLU B 25 -49.74 -12.72 12.49
C GLU B 25 -48.96 -13.43 13.59
N ASN B 26 -47.71 -13.83 13.29
CA ASN B 26 -46.87 -14.52 14.27
C ASN B 26 -46.16 -13.53 15.18
N ARG B 27 -46.52 -12.25 15.05
CA ARG B 27 -45.92 -11.19 15.86
C ARG B 27 -44.47 -10.95 15.46
N LEU B 28 -44.24 -10.96 14.15
CA LEU B 28 -42.92 -10.75 13.57
C LEU B 28 -42.96 -9.65 12.52
N CYS B 29 -41.82 -9.00 12.31
CA CYS B 29 -41.68 -7.94 11.31
C CYS B 29 -40.24 -8.00 10.86
N SER B 30 -40.00 -8.63 9.71
CA SER B 30 -38.65 -8.79 9.20
C SER B 30 -38.09 -7.64 8.38
N PHE B 31 -36.77 -7.61 8.27
CA PHE B 31 -36.07 -6.57 7.52
C PHE B 31 -34.86 -7.16 6.82
N ALA B 32 -34.45 -6.50 5.75
CA ALA B 32 -33.27 -6.92 5.01
C ALA B 32 -32.35 -5.73 5.02
N ILE B 33 -31.06 -5.99 5.11
CA ILE B 33 -30.08 -4.93 5.14
C ILE B 33 -28.91 -5.44 4.36
N ASP B 34 -28.16 -4.54 3.72
CA ASP B 34 -27.04 -5.02 2.96
C ASP B 34 -25.85 -4.09 2.78
N GLU B 35 -24.69 -4.73 2.71
CA GLU B 35 -23.41 -4.09 2.50
C GLU B 35 -23.07 -4.45 1.06
N ILE B 36 -23.20 -3.47 0.18
CA ILE B 36 -22.94 -3.65 -1.25
C ILE B 36 -21.44 -3.40 -1.51
N TYR B 37 -20.78 -4.38 -2.12
CA TYR B 37 -19.33 -4.29 -2.43
C TYR B 37 -19.10 -3.97 -3.90
N TYR B 38 -18.25 -2.98 -4.17
CA TYR B 38 -17.95 -2.61 -5.54
C TYR B 38 -16.66 -3.23 -6.04
N ILE B 39 -16.73 -3.85 -7.20
CA ILE B 39 -15.58 -4.47 -7.84
C ILE B 39 -15.51 -3.90 -9.25
N SER B 40 -14.31 -3.69 -9.75
CA SER B 40 -14.13 -3.20 -11.11
C SER B 40 -13.04 -3.98 -11.81
N LEU B 41 -13.30 -4.34 -13.06
CA LEU B 41 -12.32 -5.06 -13.85
C LEU B 41 -11.74 -4.06 -14.84
N SER B 42 -10.42 -4.05 -14.96
CA SER B 42 -9.80 -3.13 -15.88
C SER B 42 -8.99 -3.92 -16.87
N ASP B 43 -9.29 -3.68 -18.14
CA ASP B 43 -8.58 -4.32 -19.23
C ASP B 43 -7.25 -3.56 -19.30
N ALA B 44 -6.42 -3.78 -18.27
CA ALA B 44 -5.12 -3.13 -18.12
C ALA B 44 -4.30 -3.19 -19.40
N ASN B 45 -3.50 -4.24 -19.54
CA ASN B 45 -2.67 -4.41 -20.72
C ASN B 45 -3.08 -5.71 -21.42
N ASP B 46 -2.16 -6.34 -22.16
CA ASP B 46 -2.50 -7.56 -22.87
C ASP B 46 -2.06 -8.84 -22.19
N GLU B 47 -1.33 -8.71 -21.09
CA GLU B 47 -0.90 -9.90 -20.38
C GLU B 47 -1.69 -10.03 -19.10
N TYR B 48 -2.01 -8.89 -18.50
CA TYR B 48 -2.76 -8.88 -17.26
C TYR B 48 -4.04 -8.08 -17.31
N MET B 49 -4.93 -8.38 -16.37
CA MET B 49 -6.19 -7.70 -16.21
C MET B 49 -6.08 -7.20 -14.77
N MET B 50 -6.70 -6.06 -14.44
CA MET B 50 -6.60 -5.58 -13.06
C MET B 50 -7.95 -5.60 -12.34
N ILE B 51 -7.97 -6.23 -11.17
CA ILE B 51 -9.17 -6.29 -10.35
C ILE B 51 -9.08 -5.23 -9.25
N TYR B 52 -10.09 -4.37 -9.14
CA TYR B 52 -10.07 -3.35 -8.11
C TYR B 52 -11.24 -3.47 -7.19
N GLY B 53 -10.96 -3.48 -5.88
CA GLY B 53 -12.00 -3.54 -4.87
C GLY B 53 -12.14 -2.13 -4.36
N VAL B 54 -13.06 -1.38 -4.96
CA VAL B 54 -13.31 0.02 -4.62
C VAL B 54 -13.98 0.10 -3.25
N CYS B 55 -13.20 0.55 -2.26
CA CYS B 55 -13.66 0.63 -0.88
C CYS B 55 -14.34 1.93 -0.48
N GLY B 56 -14.36 2.92 -1.36
CA GLY B 56 -15.02 4.16 -1.00
C GLY B 56 -14.01 5.29 -0.89
N LYS B 57 -14.51 6.52 -0.90
CA LYS B 57 -13.67 7.71 -0.84
C LYS B 57 -12.76 7.68 0.36
N PHE B 58 -11.53 8.14 0.16
CA PHE B 58 -10.53 8.14 1.21
C PHE B 58 -10.42 9.47 1.94
N PRO B 59 -10.42 9.43 3.29
CA PRO B 59 -10.31 10.68 4.06
C PRO B 59 -8.90 11.24 3.88
N THR B 60 -8.75 12.14 2.91
CA THR B 60 -7.46 12.76 2.60
C THR B 60 -7.02 13.90 3.52
N ASP B 61 -7.64 13.98 4.69
CA ASP B 61 -7.34 15.02 5.67
C ASP B 61 -6.83 14.36 6.95
N ASN B 62 -6.95 13.03 6.98
CA ASN B 62 -6.52 12.23 8.12
C ASN B 62 -5.29 11.44 7.70
N SER B 63 -4.12 11.85 8.18
CA SER B 63 -2.87 11.17 7.87
C SER B 63 -2.72 9.92 8.72
N ASN B 64 -3.32 9.98 9.91
CA ASN B 64 -3.28 8.88 10.85
C ASN B 64 -3.96 7.65 10.24
N PHE B 65 -4.92 7.90 9.35
CA PHE B 65 -5.67 6.84 8.68
C PHE B 65 -4.77 6.26 7.58
N ALA B 66 -4.22 7.13 6.74
CA ALA B 66 -3.33 6.70 5.67
C ALA B 66 -2.24 5.76 6.18
N LEU B 67 -1.81 5.96 7.42
CA LEU B 67 -0.77 5.16 8.05
C LEU B 67 -1.22 3.80 8.59
N GLU B 68 -2.49 3.69 8.99
CA GLU B 68 -2.97 2.42 9.51
C GLU B 68 -3.36 1.55 8.32
N ILE B 69 -3.52 2.20 7.17
CA ILE B 69 -3.86 1.53 5.92
C ILE B 69 -2.54 0.98 5.39
N LEU B 70 -1.57 1.87 5.30
CA LEU B 70 -0.24 1.53 4.84
C LEU B 70 0.31 0.41 5.73
N ASN B 71 -0.03 0.44 7.00
CA ASN B 71 0.43 -0.60 7.91
C ASN B 71 -0.26 -1.92 7.64
N ALA B 72 -1.55 -1.85 7.31
CA ALA B 72 -2.33 -3.04 7.01
C ALA B 72 -1.71 -3.82 5.85
N ASN B 73 -0.96 -3.12 4.99
CA ASN B 73 -0.32 -3.80 3.87
C ASN B 73 0.62 -4.93 4.32
N LEU B 74 1.24 -4.77 5.49
CA LEU B 74 2.15 -5.82 5.98
C LEU B 74 1.39 -7.14 5.97
N TRP B 75 0.17 -7.08 6.48
CA TRP B 75 -0.71 -8.22 6.57
C TRP B 75 -1.04 -8.76 5.17
N PHE B 76 -1.39 -7.86 4.26
CA PHE B 76 -1.71 -8.27 2.89
C PHE B 76 -0.45 -8.69 2.14
N ALA B 77 0.71 -8.34 2.69
CA ALA B 77 1.98 -8.69 2.06
C ALA B 77 2.40 -10.09 2.47
N GLU B 78 2.03 -10.47 3.69
CA GLU B 78 2.36 -11.77 4.24
C GLU B 78 1.49 -12.86 3.65
N ASN B 79 0.19 -12.62 3.69
CA ASN B 79 -0.76 -13.58 3.18
C ASN B 79 -1.04 -13.35 1.70
N GLY B 80 -2.26 -13.70 1.29
CA GLY B 80 -2.67 -13.53 -0.10
C GLY B 80 -2.05 -12.34 -0.80
N GLY B 81 -2.84 -11.32 -1.11
CA GLY B 81 -2.22 -10.19 -1.76
C GLY B 81 -2.91 -8.99 -2.35
N PRO B 82 -4.19 -8.69 -2.07
CA PRO B 82 -4.57 -7.46 -2.79
C PRO B 82 -3.77 -6.32 -2.15
N TYR B 83 -3.25 -5.40 -2.96
CA TYR B 83 -2.51 -4.27 -2.42
C TYR B 83 -3.49 -3.18 -2.05
N LEU B 84 -3.23 -2.52 -0.94
CA LEU B 84 -4.08 -1.41 -0.51
C LEU B 84 -3.47 -0.19 -1.16
N CYS B 85 -4.28 0.53 -1.95
CA CYS B 85 -3.81 1.70 -2.67
C CYS B 85 -4.74 2.89 -2.54
N TYR B 86 -4.31 3.98 -3.17
CA TYR B 86 -5.05 5.23 -3.20
C TYR B 86 -5.03 5.67 -4.66
N GLU B 87 -6.22 5.88 -5.21
CA GLU B 87 -6.34 6.32 -6.59
C GLU B 87 -6.63 7.82 -6.56
N ALA B 88 -5.60 8.60 -6.84
CA ALA B 88 -5.70 10.06 -6.83
C ALA B 88 -6.98 10.61 -7.44
N GLY B 89 -7.25 10.26 -8.68
CA GLY B 89 -8.45 10.74 -9.36
C GLY B 89 -9.70 10.86 -8.51
N ALA B 90 -10.35 9.74 -8.24
CA ALA B 90 -11.58 9.74 -7.44
C ALA B 90 -11.26 9.75 -5.95
N GLN B 91 -9.98 9.84 -5.62
CA GLN B 91 -9.54 9.86 -4.22
C GLN B 91 -10.14 8.74 -3.39
N SER B 92 -10.20 7.53 -3.95
CA SER B 92 -10.77 6.43 -3.22
C SER B 92 -9.72 5.47 -2.68
N LEU B 93 -10.18 4.58 -1.81
CA LEU B 93 -9.34 3.56 -1.20
C LEU B 93 -9.55 2.35 -2.14
N LEU B 94 -8.45 1.82 -2.67
CA LEU B 94 -8.54 0.69 -3.58
C LEU B 94 -7.78 -0.53 -3.12
N LEU B 95 -8.35 -1.69 -3.34
CA LEU B 95 -7.72 -2.95 -3.01
C LEU B 95 -7.40 -3.50 -4.40
N ALA B 96 -6.12 -3.49 -4.78
CA ALA B 96 -5.70 -3.94 -6.12
C ALA B 96 -5.10 -5.33 -6.22
N LEU B 97 -5.43 -6.02 -7.32
CA LEU B 97 -4.95 -7.37 -7.57
C LEU B 97 -4.88 -7.67 -9.08
N ARG B 98 -3.68 -7.82 -9.61
CA ARG B 98 -3.56 -8.10 -11.05
C ARG B 98 -3.95 -9.55 -11.34
N PHE B 99 -4.58 -9.76 -12.50
CA PHE B 99 -5.06 -11.04 -12.95
C PHE B 99 -4.39 -11.39 -14.27
N PRO B 100 -3.60 -12.48 -14.31
CA PRO B 100 -2.90 -12.90 -15.52
C PRO B 100 -3.86 -13.54 -16.54
N LEU B 101 -3.75 -13.11 -17.80
CA LEU B 101 -4.60 -13.65 -18.85
C LEU B 101 -4.15 -15.04 -19.31
N ASP B 102 -2.85 -15.33 -19.23
CA ASP B 102 -2.34 -16.64 -19.62
C ASP B 102 -2.99 -17.71 -18.75
N ASP B 103 -3.67 -18.65 -19.40
CA ASP B 103 -4.35 -19.77 -18.73
C ASP B 103 -5.52 -19.27 -17.91
N ALA B 104 -5.96 -18.05 -18.22
CA ALA B 104 -7.09 -17.46 -17.51
C ALA B 104 -8.30 -18.37 -17.69
N THR B 105 -9.26 -18.24 -16.79
CA THR B 105 -10.46 -19.05 -16.82
C THR B 105 -11.51 -18.30 -16.03
N PRO B 106 -12.77 -18.32 -16.48
CA PRO B 106 -13.79 -17.61 -15.72
C PRO B 106 -13.84 -18.08 -14.25
N GLU B 107 -13.50 -19.35 -14.01
CA GLU B 107 -13.50 -19.87 -12.64
C GLU B 107 -12.32 -19.28 -11.87
N LYS B 108 -11.20 -19.07 -12.54
CA LYS B 108 -10.05 -18.48 -11.88
C LYS B 108 -10.39 -17.00 -11.63
N LEU B 109 -11.03 -16.36 -12.60
CA LEU B 109 -11.44 -14.96 -12.48
C LEU B 109 -12.45 -14.83 -11.35
N GLU B 110 -13.28 -15.86 -11.23
CA GLU B 110 -14.29 -15.90 -10.19
C GLU B 110 -13.65 -15.95 -8.82
N ASN B 111 -12.61 -16.76 -8.70
CA ASN B 111 -11.89 -16.93 -7.43
C ASN B 111 -11.08 -15.70 -7.08
N GLU B 112 -10.41 -15.12 -8.08
CA GLU B 112 -9.60 -13.93 -7.85
C GLU B 112 -10.44 -12.77 -7.38
N ILE B 113 -11.64 -12.65 -7.94
CA ILE B 113 -12.58 -11.61 -7.54
C ILE B 113 -13.05 -11.88 -6.11
N GLU B 114 -13.22 -13.16 -5.78
CA GLU B 114 -13.66 -13.58 -4.46
C GLU B 114 -12.59 -13.21 -3.43
N VAL B 115 -11.33 -13.34 -3.82
CA VAL B 115 -10.20 -12.99 -2.95
C VAL B 115 -10.28 -11.49 -2.60
N VAL B 116 -10.46 -10.66 -3.62
CA VAL B 116 -10.58 -9.23 -3.40
C VAL B 116 -11.77 -8.89 -2.50
N VAL B 117 -12.93 -9.53 -2.67
CA VAL B 117 -14.07 -9.18 -1.82
C VAL B 117 -13.89 -9.65 -0.39
N LYS B 118 -13.18 -10.76 -0.21
CA LYS B 118 -12.91 -11.30 1.12
C LYS B 118 -11.97 -10.34 1.83
N SER B 119 -11.11 -9.68 1.07
CA SER B 119 -10.18 -8.72 1.62
C SER B 119 -10.96 -7.49 2.08
N MET B 120 -11.93 -7.09 1.27
CA MET B 120 -12.77 -5.95 1.59
C MET B 120 -13.58 -6.31 2.85
N GLU B 121 -14.08 -7.54 2.90
CA GLU B 121 -14.80 -8.00 4.08
C GLU B 121 -13.93 -7.70 5.28
N ASN B 122 -12.72 -8.26 5.30
CA ASN B 122 -11.76 -8.06 6.37
C ASN B 122 -11.39 -6.60 6.61
N LEU B 123 -11.17 -5.84 5.54
CA LEU B 123 -10.83 -4.43 5.69
C LEU B 123 -11.95 -3.72 6.42
N TYR B 124 -13.17 -3.94 5.94
CA TYR B 124 -14.33 -3.31 6.56
C TYR B 124 -14.53 -3.74 8.00
N LEU B 125 -14.66 -5.03 8.26
CA LEU B 125 -14.85 -5.47 9.64
C LEU B 125 -13.95 -4.71 10.60
N VAL B 126 -12.65 -4.68 10.28
CA VAL B 126 -11.68 -4.00 11.12
C VAL B 126 -12.03 -2.52 11.31
N LEU B 127 -12.46 -1.84 10.25
CA LEU B 127 -12.81 -0.43 10.37
C LEU B 127 -14.11 -0.30 11.15
N HIS B 128 -15.05 -1.19 10.89
CA HIS B 128 -16.33 -1.18 11.57
C HIS B 128 -16.15 -1.45 13.05
N ASN B 129 -15.26 -2.38 13.39
CA ASN B 129 -15.01 -2.71 14.79
C ASN B 129 -14.24 -1.59 15.49
N GLN B 130 -13.97 -0.50 14.78
CA GLN B 130 -13.27 0.66 15.34
C GLN B 130 -14.12 1.91 15.12
N GLY B 131 -15.37 1.70 14.75
CA GLY B 131 -16.28 2.81 14.51
C GLY B 131 -16.12 3.51 13.17
N ILE B 132 -14.93 3.41 12.57
CA ILE B 132 -14.62 4.06 11.29
C ILE B 132 -15.61 3.68 10.18
N THR B 133 -15.90 4.65 9.32
CA THR B 133 -16.82 4.43 8.21
C THR B 133 -16.45 5.36 7.07
N LEU B 134 -15.98 4.79 5.98
CA LEU B 134 -15.59 5.57 4.83
C LEU B 134 -16.77 6.42 4.38
N GLU B 135 -16.56 7.30 3.40
CA GLU B 135 -17.64 8.19 2.96
C GLU B 135 -18.75 7.56 2.12
N ASN B 136 -18.39 6.86 1.04
CA ASN B 136 -19.43 6.27 0.20
C ASN B 136 -20.07 5.00 0.75
N GLU B 137 -20.06 4.85 2.07
CA GLU B 137 -20.66 3.68 2.73
C GLU B 137 -22.12 3.91 3.06
N HIS B 138 -22.98 2.99 2.63
CA HIS B 138 -24.42 3.08 2.88
C HIS B 138 -25.11 1.76 3.22
N MET B 139 -25.77 1.72 4.37
CA MET B 139 -26.50 0.53 4.82
C MET B 139 -27.99 0.69 4.45
N LYS B 140 -28.40 0.03 3.36
CA LYS B 140 -29.78 0.10 2.89
C LYS B 140 -30.73 -0.86 3.61
N ILE B 141 -31.74 -0.31 4.27
CA ILE B 141 -32.73 -1.11 5.00
C ILE B 141 -34.09 -1.12 4.30
N GLU B 142 -34.86 -2.18 4.54
CA GLU B 142 -36.19 -2.33 3.97
C GLU B 142 -36.82 -3.61 4.46
N GLU B 143 -38.12 -3.54 4.74
CA GLU B 143 -38.87 -4.69 5.24
C GLU B 143 -39.14 -5.75 4.17
N ILE B 144 -39.44 -6.96 4.61
CA ILE B 144 -39.74 -8.06 3.70
C ILE B 144 -40.75 -8.98 4.38
N SER B 145 -41.21 -9.99 3.65
CA SER B 145 -42.19 -10.93 4.21
C SER B 145 -41.57 -11.59 5.43
N SER B 146 -42.14 -11.31 6.59
CA SER B 146 -41.63 -11.88 7.83
C SER B 146 -41.75 -13.40 7.84
#